data_1ZTD
#
_entry.id   1ZTD
#
_cell.length_a   36.352
_cell.length_b   61.093
_cell.length_c   51.582
_cell.angle_alpha   90.00
_cell.angle_beta   97.62
_cell.angle_gamma   90.00
#
_symmetry.space_group_name_H-M   'P 1 21 1'
#
loop_
_entity.id
_entity.type
_entity.pdbx_description
1 polymer 'Hypothetical Protein Pfu-631545-001'
2 water water
#
_entity_poly.entity_id   1
_entity_poly.type   'polypeptide(L)'
_entity_poly.pdbx_seq_one_letter_code
;AHHHHHHGSEIDKGLAKFGDSLINFLYSLALTEFLGKPTGDRVPNASLAIALELTGLSKNLRRVDKHAKGDYAEALIAKA
WLMGLISEREAVEIIKKNLYPEVLDFSKKKEAIGRALAPLLVIISERLYSSQV
;
_entity_poly.pdbx_strand_id   A,B
#
# COMPACT_ATOMS: atom_id res chain seq x y z
N SER A 9 -6.53 -24.91 5.52
CA SER A 9 -5.70 -23.86 4.87
C SER A 9 -4.60 -23.39 5.80
N GLU A 10 -3.49 -22.96 5.22
CA GLU A 10 -2.36 -22.46 6.01
C GLU A 10 -2.25 -20.96 5.77
N ILE A 11 -3.31 -20.36 5.25
CA ILE A 11 -3.31 -18.94 4.97
C ILE A 11 -4.20 -18.14 5.93
N ASP A 12 -3.57 -17.27 6.69
CA ASP A 12 -4.31 -16.35 7.56
C ASP A 12 -4.86 -15.17 6.77
N LYS A 13 -6.15 -15.09 6.59
CA LYS A 13 -6.77 -14.03 5.79
C LYS A 13 -6.34 -12.62 6.18
N GLY A 14 -6.18 -12.39 7.48
CA GLY A 14 -5.77 -11.09 7.97
C GLY A 14 -4.35 -10.76 7.53
N LEU A 15 -3.46 -11.74 7.66
CA LEU A 15 -2.06 -11.56 7.26
C LEU A 15 -1.97 -11.27 5.78
N ALA A 16 -2.77 -11.96 4.99
CA ALA A 16 -2.77 -11.75 3.55
C ALA A 16 -3.22 -10.33 3.19
N LYS A 17 -4.25 -9.82 3.89
CA LYS A 17 -4.78 -8.48 3.62
C LYS A 17 -3.74 -7.42 3.98
N PHE A 18 -3.02 -7.65 5.07
CA PHE A 18 -1.98 -6.72 5.47
C PHE A 18 -0.83 -6.79 4.46
N GLY A 19 -0.50 -8.01 4.06
CA GLY A 19 0.56 -8.20 3.10
C GLY A 19 0.28 -7.52 1.76
N ASP A 20 -0.99 -7.55 1.34
CA ASP A 20 -1.38 -6.90 0.08
C ASP A 20 -1.06 -5.40 0.13
N SER A 21 -1.43 -4.73 1.21
CA SER A 21 -1.15 -3.29 1.33
C SER A 21 0.35 -3.02 1.41
N LEU A 22 1.08 -3.89 2.10
CA LEU A 22 2.52 -3.72 2.24
C LEU A 22 3.30 -3.89 0.94
N ILE A 23 3.04 -4.98 0.21
CA ILE A 23 3.77 -5.23 -1.03
C ILE A 23 3.46 -4.21 -2.13
N ASN A 24 2.26 -3.64 -2.10
CA ASN A 24 1.94 -2.65 -3.11
C ASN A 24 2.72 -1.37 -2.84
N PHE A 25 2.89 -1.05 -1.56
CA PHE A 25 3.65 0.14 -1.20
C PHE A 25 5.12 -0.09 -1.55
N LEU A 26 5.67 -1.24 -1.16
CA LEU A 26 7.07 -1.53 -1.44
C LEU A 26 7.34 -1.53 -2.94
N TYR A 27 6.47 -2.17 -3.72
CA TYR A 27 6.68 -2.21 -5.16
C TYR A 27 6.58 -0.81 -5.78
N SER A 28 5.60 -0.02 -5.35
CA SER A 28 5.43 1.32 -5.91
C SER A 28 6.60 2.25 -5.54
N LEU A 29 7.21 2.02 -4.38
CA LEU A 29 8.34 2.85 -3.95
C LEU A 29 9.59 2.43 -4.76
N ALA A 30 9.70 1.14 -5.04
CA ALA A 30 10.83 0.64 -5.82
C ALA A 30 10.70 1.14 -7.27
N LEU A 31 9.47 1.12 -7.79
CA LEU A 31 9.20 1.57 -9.15
C LEU A 31 9.47 3.07 -9.26
N THR A 32 9.08 3.82 -8.24
CA THR A 32 9.28 5.26 -8.21
C THR A 32 10.79 5.58 -8.29
N GLU A 33 11.60 4.90 -7.50
CA GLU A 33 13.04 5.16 -7.51
C GLU A 33 13.68 4.68 -8.80
N PHE A 34 13.22 3.53 -9.30
CA PHE A 34 13.72 2.94 -10.55
C PHE A 34 13.49 3.85 -11.76
N LEU A 35 12.33 4.51 -11.80
CA LEU A 35 11.99 5.42 -12.90
C LEU A 35 12.40 6.86 -12.62
N GLY A 36 12.79 7.15 -11.38
CA GLY A 36 13.20 8.50 -11.04
C GLY A 36 12.05 9.48 -10.99
N LYS A 37 10.83 8.98 -10.80
CA LYS A 37 9.64 9.84 -10.72
C LYS A 37 8.49 9.12 -10.03
N PRO A 38 7.79 9.82 -9.13
CA PRO A 38 6.66 9.21 -8.41
C PRO A 38 5.64 8.50 -9.27
N THR A 39 5.45 7.22 -8.99
CA THR A 39 4.48 6.41 -9.71
C THR A 39 4.03 5.26 -8.83
N GLY A 40 3.03 4.52 -9.30
CA GLY A 40 2.52 3.38 -8.56
C GLY A 40 1.86 2.42 -9.52
N ASP A 41 1.76 1.14 -9.16
CA ASP A 41 1.13 0.15 -10.02
C ASP A 41 0.77 -1.07 -9.18
N ARG A 42 -0.52 -1.41 -9.11
CA ARG A 42 -0.96 -2.54 -8.32
C ARG A 42 -0.30 -3.86 -8.71
N VAL A 43 0.20 -4.57 -7.70
CA VAL A 43 0.85 -5.86 -7.94
C VAL A 43 -0.19 -6.90 -8.34
N PRO A 44 -0.07 -7.45 -9.56
CA PRO A 44 -1.09 -8.44 -9.93
C PRO A 44 -0.99 -9.72 -9.11
N ASN A 45 -2.15 -10.30 -8.81
CA ASN A 45 -2.20 -11.54 -8.03
C ASN A 45 -1.36 -12.61 -8.72
N ALA A 46 -1.40 -12.64 -10.05
CA ALA A 46 -0.66 -13.61 -10.83
C ALA A 46 0.85 -13.46 -10.66
N SER A 47 1.31 -12.24 -10.40
CA SER A 47 2.74 -12.03 -10.23
C SER A 47 3.22 -12.67 -8.94
N LEU A 48 2.39 -12.60 -7.89
CA LEU A 48 2.75 -13.18 -6.61
C LEU A 48 2.80 -14.71 -6.74
N ALA A 49 1.85 -15.26 -7.49
CA ALA A 49 1.82 -16.72 -7.71
C ALA A 49 3.03 -17.15 -8.53
N ILE A 50 3.36 -16.36 -9.55
CA ILE A 50 4.51 -16.67 -10.40
C ILE A 50 5.79 -16.69 -9.56
N ALA A 51 5.90 -15.76 -8.61
CA ALA A 51 7.08 -15.69 -7.74
C ALA A 51 7.16 -16.90 -6.81
N LEU A 52 6.03 -17.31 -6.25
CA LEU A 52 5.97 -18.44 -5.33
C LEU A 52 6.34 -19.74 -6.05
N GLU A 53 5.95 -19.85 -7.31
CA GLU A 53 6.29 -21.06 -8.05
C GLU A 53 7.75 -21.05 -8.52
N LEU A 54 8.25 -19.88 -8.90
CA LEU A 54 9.64 -19.77 -9.36
C LEU A 54 10.61 -20.18 -8.25
N THR A 55 10.34 -19.72 -7.02
CA THR A 55 11.19 -20.05 -5.89
C THR A 55 11.03 -21.49 -5.42
N GLY A 56 9.94 -22.14 -5.84
CA GLY A 56 9.70 -23.52 -5.44
C GLY A 56 8.86 -23.64 -4.19
N LEU A 57 8.59 -22.50 -3.56
CA LEU A 57 7.81 -22.47 -2.34
C LEU A 57 6.38 -22.98 -2.49
N SER A 58 5.83 -22.95 -3.70
CA SER A 58 4.45 -23.40 -3.90
C SER A 58 4.30 -24.92 -3.82
N LYS A 59 5.42 -25.64 -3.74
CA LYS A 59 5.40 -27.09 -3.65
C LYS A 59 5.06 -27.57 -2.24
N ASN A 60 5.05 -26.66 -1.28
CA ASN A 60 4.73 -27.03 0.09
C ASN A 60 3.29 -26.71 0.42
N LEU A 61 2.55 -26.21 -0.57
CA LEU A 61 1.16 -25.85 -0.36
C LEU A 61 0.18 -27.01 -0.50
N ARG A 62 -0.75 -27.08 0.44
CA ARG A 62 -1.78 -28.12 0.43
C ARG A 62 -2.78 -27.78 -0.67
N ARG A 63 -3.49 -28.79 -1.13
CA ARG A 63 -4.49 -28.64 -2.20
C ARG A 63 -5.46 -27.48 -1.95
N VAL A 64 -5.96 -27.37 -0.73
CA VAL A 64 -6.92 -26.32 -0.38
C VAL A 64 -6.40 -24.91 -0.68
N ASP A 65 -5.08 -24.75 -0.72
CA ASP A 65 -4.44 -23.45 -0.96
C ASP A 65 -3.88 -23.25 -2.40
N LYS A 66 -3.94 -24.28 -3.24
CA LYS A 66 -3.41 -24.21 -4.59
C LYS A 66 -3.91 -23.05 -5.46
N HIS A 67 -5.15 -22.62 -5.22
CA HIS A 67 -5.74 -21.53 -5.98
C HIS A 67 -5.54 -20.18 -5.30
N ALA A 68 -4.81 -20.17 -4.19
CA ALA A 68 -4.55 -18.93 -3.45
C ALA A 68 -3.06 -18.69 -3.24
N LYS A 69 -2.26 -18.98 -4.25
CA LYS A 69 -0.81 -18.80 -4.17
C LYS A 69 -0.42 -17.34 -3.87
N GLY A 70 -1.18 -16.40 -4.41
CA GLY A 70 -0.89 -14.99 -4.17
C GLY A 70 -1.12 -14.61 -2.72
N ASP A 71 -2.25 -15.05 -2.16
CA ASP A 71 -2.56 -14.77 -0.78
C ASP A 71 -1.50 -15.38 0.12
N TYR A 72 -1.01 -16.56 -0.26
CA TYR A 72 0.02 -17.22 0.54
C TYR A 72 1.28 -16.35 0.59
N ALA A 73 1.70 -15.84 -0.56
CA ALA A 73 2.88 -14.98 -0.65
C ALA A 73 2.71 -13.70 0.17
N GLU A 74 1.50 -13.13 0.12
CA GLU A 74 1.20 -11.90 0.86
C GLU A 74 1.31 -12.10 2.38
N ALA A 75 0.78 -13.23 2.85
CA ALA A 75 0.81 -13.54 4.27
C ALA A 75 2.25 -13.79 4.73
N LEU A 76 3.04 -14.41 3.86
CA LEU A 76 4.44 -14.69 4.18
C LEU A 76 5.16 -13.35 4.41
N ILE A 77 4.98 -12.43 3.47
CA ILE A 77 5.58 -11.09 3.54
C ILE A 77 5.12 -10.33 4.80
N ALA A 78 3.82 -10.39 5.07
CA ALA A 78 3.27 -9.71 6.23
C ALA A 78 3.88 -10.23 7.53
N LYS A 79 3.98 -11.55 7.64
CA LYS A 79 4.52 -12.19 8.84
C LYS A 79 5.98 -11.78 9.11
N ALA A 80 6.79 -11.78 8.07
CA ALA A 80 8.21 -11.40 8.17
C ALA A 80 8.34 -9.96 8.61
N TRP A 81 7.53 -9.09 8.02
CA TRP A 81 7.55 -7.67 8.34
C TRP A 81 7.08 -7.39 9.76
N LEU A 82 5.97 -8.00 10.16
CA LEU A 82 5.44 -7.77 11.51
C LEU A 82 6.42 -8.24 12.60
N MET A 83 7.19 -9.28 12.29
CA MET A 83 8.17 -9.81 13.24
C MET A 83 9.50 -9.04 13.22
N GLY A 84 9.62 -8.09 12.29
CA GLY A 84 10.85 -7.31 12.19
C GLY A 84 12.00 -8.05 11.53
N LEU A 85 11.67 -9.01 10.67
CA LEU A 85 12.69 -9.79 9.97
C LEU A 85 13.18 -9.14 8.69
N ILE A 86 12.53 -8.06 8.27
CA ILE A 86 12.96 -7.38 7.06
C ILE A 86 12.42 -5.96 7.03
N SER A 87 13.29 -5.01 6.68
CA SER A 87 12.90 -3.61 6.65
C SER A 87 12.38 -3.16 5.29
N GLU A 88 11.69 -2.02 5.30
CA GLU A 88 11.13 -1.44 4.09
C GLU A 88 12.26 -1.15 3.08
N ARG A 89 13.30 -0.47 3.52
CA ARG A 89 14.42 -0.13 2.64
C ARG A 89 15.11 -1.35 2.04
N GLU A 90 15.28 -2.39 2.84
CA GLU A 90 15.92 -3.59 2.33
C GLU A 90 15.05 -4.28 1.28
N ALA A 91 13.74 -4.30 1.53
CA ALA A 91 12.82 -4.94 0.58
C ALA A 91 12.79 -4.16 -0.73
N VAL A 92 12.81 -2.84 -0.63
CA VAL A 92 12.79 -1.97 -1.80
C VAL A 92 14.03 -2.18 -2.67
N GLU A 93 15.20 -2.28 -2.03
CA GLU A 93 16.45 -2.50 -2.77
C GLU A 93 16.47 -3.84 -3.49
N ILE A 94 15.96 -4.88 -2.83
CA ILE A 94 15.92 -6.21 -3.43
C ILE A 94 15.03 -6.15 -4.68
N ILE A 95 13.85 -5.58 -4.54
CA ILE A 95 12.93 -5.45 -5.68
C ILE A 95 13.56 -4.64 -6.81
N LYS A 96 14.02 -3.44 -6.49
CA LYS A 96 14.61 -2.55 -7.49
C LYS A 96 15.73 -3.18 -8.33
N LYS A 97 16.61 -3.96 -7.71
CA LYS A 97 17.72 -4.59 -8.43
C LYS A 97 17.31 -5.65 -9.44
N ASN A 98 16.03 -6.01 -9.43
CA ASN A 98 15.50 -7.02 -10.35
C ASN A 98 14.45 -6.43 -11.31
N LEU A 99 14.19 -5.14 -11.20
CA LEU A 99 13.22 -4.50 -12.08
C LEU A 99 13.79 -4.37 -13.49
N TYR A 100 12.91 -4.44 -14.48
CA TYR A 100 13.31 -4.35 -15.88
C TYR A 100 12.36 -3.40 -16.64
N PRO A 101 12.74 -3.01 -17.86
CA PRO A 101 11.91 -2.12 -18.67
C PRO A 101 10.53 -2.71 -18.98
N GLU A 102 10.40 -4.02 -18.86
CA GLU A 102 9.13 -4.68 -19.12
C GLU A 102 8.08 -4.24 -18.10
N VAL A 103 8.54 -3.57 -17.05
CA VAL A 103 7.65 -3.07 -16.01
C VAL A 103 6.67 -2.07 -16.61
N LEU A 104 7.08 -1.42 -17.70
CA LEU A 104 6.23 -0.43 -18.35
C LEU A 104 5.48 -1.05 -19.53
N ASP A 105 5.50 -2.38 -19.60
CA ASP A 105 4.86 -3.09 -20.69
C ASP A 105 3.70 -3.96 -20.18
N PHE A 106 2.48 -3.55 -20.49
CA PHE A 106 1.29 -4.28 -20.05
C PHE A 106 1.35 -5.75 -20.44
N SER A 107 1.85 -6.03 -21.65
CA SER A 107 1.94 -7.39 -22.18
C SER A 107 2.87 -8.32 -21.41
N LYS A 108 3.87 -7.75 -20.74
CA LYS A 108 4.86 -8.56 -20.01
C LYS A 108 5.02 -8.18 -18.54
N LYS A 109 4.14 -7.30 -18.05
CA LYS A 109 4.20 -6.85 -16.67
C LYS A 109 3.98 -7.93 -15.60
N LYS A 110 3.06 -8.85 -15.86
CA LYS A 110 2.78 -9.91 -14.89
C LYS A 110 4.03 -10.74 -14.61
N GLU A 111 4.66 -11.23 -15.68
CA GLU A 111 5.86 -12.02 -15.54
C GLU A 111 6.99 -11.20 -14.92
N ALA A 112 7.19 -9.99 -15.43
CA ALA A 112 8.24 -9.10 -14.96
C ALA A 112 8.19 -8.81 -13.46
N ILE A 113 7.01 -8.47 -12.96
CA ILE A 113 6.87 -8.18 -11.54
C ILE A 113 7.13 -9.46 -10.74
N GLY A 114 6.56 -10.57 -11.19
CA GLY A 114 6.78 -11.84 -10.49
C GLY A 114 8.27 -12.17 -10.37
N ARG A 115 9.03 -11.89 -11.42
CA ARG A 115 10.47 -12.16 -11.44
C ARG A 115 11.21 -11.27 -10.44
N ALA A 116 10.72 -10.05 -10.29
CA ALA A 116 11.33 -9.10 -9.37
C ALA A 116 11.01 -9.42 -7.90
N LEU A 117 9.90 -10.12 -7.67
CA LEU A 117 9.50 -10.46 -6.30
C LEU A 117 10.07 -11.80 -5.81
N ALA A 118 10.39 -12.68 -6.74
CA ALA A 118 10.92 -14.00 -6.38
C ALA A 118 12.09 -13.94 -5.40
N PRO A 119 13.10 -13.11 -5.67
CA PRO A 119 14.24 -13.02 -4.74
C PRO A 119 13.84 -12.52 -3.35
N LEU A 120 12.81 -11.67 -3.28
CA LEU A 120 12.36 -11.17 -1.98
C LEU A 120 11.76 -12.31 -1.15
N LEU A 121 10.94 -13.15 -1.77
CA LEU A 121 10.31 -14.27 -1.06
C LEU A 121 11.32 -15.28 -0.54
N VAL A 122 12.37 -15.51 -1.32
CA VAL A 122 13.41 -16.45 -0.92
C VAL A 122 14.03 -15.94 0.38
N ILE A 123 14.46 -14.68 0.37
CA ILE A 123 15.07 -14.06 1.54
C ILE A 123 14.14 -14.09 2.75
N ILE A 124 12.88 -13.75 2.54
CA ILE A 124 11.88 -13.72 3.60
C ILE A 124 11.68 -15.12 4.21
N SER A 125 11.49 -16.13 3.36
CA SER A 125 11.28 -17.49 3.84
C SER A 125 12.48 -18.02 4.62
N GLU A 126 13.68 -17.66 4.18
CA GLU A 126 14.90 -18.10 4.85
C GLU A 126 15.05 -17.48 6.24
N ARG A 127 14.64 -16.22 6.37
CA ARG A 127 14.75 -15.54 7.66
C ARG A 127 13.73 -16.03 8.69
N LEU A 128 12.52 -16.36 8.23
CA LEU A 128 11.49 -16.86 9.12
C LEU A 128 11.92 -18.19 9.72
N TYR A 129 12.46 -19.07 8.89
CA TYR A 129 12.92 -20.37 9.34
C TYR A 129 14.12 -20.24 10.29
N SER A 130 15.02 -19.31 9.97
CA SER A 130 16.21 -19.09 10.79
C SER A 130 15.93 -18.35 12.09
N SER A 131 14.69 -17.92 12.29
CA SER A 131 14.31 -17.21 13.50
C SER A 131 13.93 -18.18 14.61
N GLN A 132 13.59 -19.41 14.22
CA GLN A 132 13.20 -20.43 15.19
C GLN A 132 14.37 -20.89 16.04
N VAL A 133 14.12 -21.01 17.34
CA VAL A 133 15.14 -21.44 18.29
C VAL A 133 15.24 -22.97 18.31
N SER B 9 -1.65 22.74 -6.77
CA SER B 9 -3.05 22.28 -6.99
C SER B 9 -3.12 21.33 -8.19
N GLU B 10 -1.99 21.12 -8.85
CA GLU B 10 -1.94 20.23 -10.01
C GLU B 10 -2.27 18.81 -9.59
N ILE B 11 -2.85 18.04 -10.51
CA ILE B 11 -3.23 16.66 -10.22
C ILE B 11 -2.47 15.66 -11.09
N ASP B 12 -1.23 15.37 -10.71
CA ASP B 12 -0.41 14.42 -11.45
C ASP B 12 -0.83 12.99 -11.11
N LYS B 13 -1.27 12.24 -12.12
CA LYS B 13 -1.72 10.87 -11.89
C LYS B 13 -0.63 9.96 -11.31
N GLY B 14 0.61 10.18 -11.72
CA GLY B 14 1.71 9.37 -11.21
C GLY B 14 1.83 9.51 -9.70
N LEU B 15 1.78 10.75 -9.23
CA LEU B 15 1.86 11.02 -7.80
C LEU B 15 0.62 10.48 -7.07
N ALA B 16 -0.54 10.53 -7.73
CA ALA B 16 -1.77 10.02 -7.12
C ALA B 16 -1.67 8.49 -6.92
N LYS B 17 -1.13 7.81 -7.94
CA LYS B 17 -0.97 6.36 -7.88
C LYS B 17 0.00 5.96 -6.78
N PHE B 18 1.06 6.73 -6.59
CA PHE B 18 1.98 6.42 -5.52
C PHE B 18 1.26 6.65 -4.18
N GLY B 19 0.52 7.76 -4.10
CA GLY B 19 -0.22 8.06 -2.89
C GLY B 19 -1.23 6.97 -2.55
N ASP B 20 -1.83 6.37 -3.57
CA ASP B 20 -2.82 5.31 -3.33
C ASP B 20 -2.12 4.16 -2.60
N SER B 21 -0.93 3.77 -3.08
CA SER B 21 -0.20 2.67 -2.43
C SER B 21 0.22 3.07 -1.01
N LEU B 22 0.67 4.31 -0.83
CA LEU B 22 1.09 4.77 0.49
C LEU B 22 -0.08 4.82 1.47
N ILE B 23 -1.20 5.44 1.07
CA ILE B 23 -2.33 5.56 1.98
C ILE B 23 -2.94 4.21 2.34
N ASN B 24 -2.91 3.25 1.41
CA ASN B 24 -3.47 1.94 1.73
C ASN B 24 -2.63 1.25 2.81
N PHE B 25 -1.31 1.42 2.74
CA PHE B 25 -0.42 0.83 3.74
C PHE B 25 -0.64 1.48 5.11
N LEU B 26 -0.62 2.81 5.14
CA LEU B 26 -0.81 3.56 6.38
C LEU B 26 -2.17 3.23 6.99
N TYR B 27 -3.20 3.15 6.16
CA TYR B 27 -4.54 2.83 6.64
C TYR B 27 -4.59 1.41 7.18
N SER B 28 -3.87 0.48 6.55
CA SER B 28 -3.89 -0.90 7.01
C SER B 28 -3.13 -1.10 8.33
N LEU B 29 -2.12 -0.27 8.56
CA LEU B 29 -1.36 -0.32 9.80
C LEU B 29 -2.27 0.20 10.90
N ALA B 30 -2.98 1.29 10.63
CA ALA B 30 -3.89 1.85 11.62
C ALA B 30 -5.02 0.87 11.95
N LEU B 31 -5.62 0.29 10.91
CA LEU B 31 -6.71 -0.68 11.09
C LEU B 31 -6.24 -1.88 11.91
N THR B 32 -4.98 -2.26 11.72
CA THR B 32 -4.41 -3.40 12.43
C THR B 32 -4.32 -3.14 13.94
N GLU B 33 -3.88 -1.95 14.31
CA GLU B 33 -3.76 -1.59 15.73
C GLU B 33 -5.14 -1.33 16.32
N PHE B 34 -6.04 -0.77 15.51
CA PHE B 34 -7.40 -0.48 15.93
C PHE B 34 -8.20 -1.76 16.21
N LEU B 35 -7.91 -2.81 15.43
CA LEU B 35 -8.60 -4.09 15.59
C LEU B 35 -7.82 -5.06 16.49
N GLY B 36 -6.56 -4.74 16.76
CA GLY B 36 -5.75 -5.59 17.61
C GLY B 36 -5.25 -6.86 16.95
N LYS B 37 -5.34 -6.90 15.62
CA LYS B 37 -4.89 -8.05 14.85
C LYS B 37 -4.52 -7.65 13.42
N PRO B 38 -3.62 -8.40 12.79
CA PRO B 38 -3.19 -8.11 11.42
C PRO B 38 -4.31 -8.17 10.40
N THR B 39 -4.50 -7.06 9.69
CA THR B 39 -5.53 -6.99 8.67
C THR B 39 -5.20 -5.83 7.74
N GLY B 40 -6.07 -5.58 6.76
CA GLY B 40 -5.81 -4.50 5.83
C GLY B 40 -7.04 -4.21 4.99
N ASP B 41 -6.95 -3.15 4.19
CA ASP B 41 -8.05 -2.78 3.32
C ASP B 41 -7.53 -1.76 2.31
N ARG B 42 -8.36 -1.44 1.32
CA ARG B 42 -8.00 -0.47 0.30
C ARG B 42 -8.96 0.69 0.44
N VAL B 43 -8.43 1.91 0.48
CA VAL B 43 -9.25 3.10 0.62
C VAL B 43 -9.98 3.44 -0.67
N PRO B 44 -11.32 3.34 -0.68
CA PRO B 44 -12.05 3.65 -1.92
C PRO B 44 -11.87 5.10 -2.36
N ASN B 45 -11.87 5.32 -3.67
CA ASN B 45 -11.71 6.66 -4.24
C ASN B 45 -12.76 7.59 -3.65
N ALA B 46 -13.97 7.09 -3.47
CA ALA B 46 -15.05 7.89 -2.92
C ALA B 46 -14.76 8.40 -1.51
N SER B 47 -14.06 7.61 -0.69
CA SER B 47 -13.75 8.04 0.66
C SER B 47 -12.79 9.22 0.66
N LEU B 48 -11.80 9.18 -0.23
CA LEU B 48 -10.84 10.27 -0.34
C LEU B 48 -11.51 11.55 -0.82
N ALA B 49 -12.47 11.43 -1.74
CA ALA B 49 -13.19 12.60 -2.25
C ALA B 49 -14.02 13.23 -1.13
N ILE B 50 -14.68 12.38 -0.34
CA ILE B 50 -15.50 12.82 0.78
C ILE B 50 -14.62 13.55 1.80
N ALA B 51 -13.45 12.98 2.08
CA ALA B 51 -12.53 13.61 3.02
C ALA B 51 -12.17 15.01 2.54
N LEU B 52 -11.81 15.12 1.26
CA LEU B 52 -11.42 16.41 0.66
C LEU B 52 -12.51 17.47 0.79
N GLU B 53 -13.75 17.08 0.53
CA GLU B 53 -14.84 18.03 0.65
C GLU B 53 -15.17 18.34 2.11
N LEU B 54 -14.96 17.38 3.00
CA LEU B 54 -15.22 17.63 4.43
C LEU B 54 -14.30 18.74 4.95
N THR B 55 -13.04 18.69 4.53
CA THR B 55 -12.06 19.68 4.94
C THR B 55 -12.33 21.02 4.26
N GLY B 56 -13.06 20.97 3.15
CA GLY B 56 -13.37 22.19 2.41
C GLY B 56 -12.28 22.53 1.42
N LEU B 57 -11.29 21.66 1.32
CA LEU B 57 -10.17 21.86 0.39
C LEU B 57 -10.58 21.69 -1.06
N SER B 58 -11.72 21.04 -1.29
CA SER B 58 -12.20 20.82 -2.64
C SER B 58 -12.57 22.13 -3.34
N LYS B 59 -12.40 23.25 -2.63
CA LYS B 59 -12.71 24.56 -3.19
C LYS B 59 -11.61 25.04 -4.13
N ASN B 60 -10.42 24.47 -3.99
CA ASN B 60 -9.28 24.84 -4.83
C ASN B 60 -9.48 24.45 -6.28
N LEU B 61 -9.69 23.15 -6.52
CA LEU B 61 -9.89 22.64 -7.87
C LEU B 61 -11.10 23.27 -8.56
N ARG B 62 -11.38 22.81 -9.78
CA ARG B 62 -12.52 23.31 -10.55
C ARG B 62 -13.68 22.32 -10.53
N ARG B 63 -14.82 22.73 -11.09
CA ARG B 63 -16.00 21.88 -11.15
C ARG B 63 -15.73 20.69 -12.05
N VAL B 64 -14.82 20.87 -13.00
CA VAL B 64 -14.46 19.82 -13.93
C VAL B 64 -13.48 18.86 -13.28
N ASP B 65 -12.71 19.37 -12.32
CA ASP B 65 -11.72 18.57 -11.61
C ASP B 65 -12.36 17.81 -10.45
N LYS B 66 -13.67 17.62 -10.52
CA LYS B 66 -14.39 16.92 -9.48
C LYS B 66 -14.15 15.41 -9.54
N HIS B 67 -14.01 14.89 -10.76
CA HIS B 67 -13.76 13.46 -10.94
C HIS B 67 -12.36 13.11 -10.48
N ALA B 68 -11.59 14.11 -10.10
CA ALA B 68 -10.22 13.90 -9.64
C ALA B 68 -10.01 14.27 -8.18
N LYS B 69 -11.10 14.50 -7.45
CA LYS B 69 -10.98 14.85 -6.03
C LYS B 69 -10.23 13.77 -5.27
N GLY B 70 -10.64 12.52 -5.46
CA GLY B 70 -9.99 11.41 -4.78
C GLY B 70 -8.51 11.35 -5.10
N ASP B 71 -8.17 11.47 -6.39
CA ASP B 71 -6.78 11.42 -6.81
C ASP B 71 -5.98 12.62 -6.27
N TYR B 72 -6.62 13.79 -6.17
CA TYR B 72 -5.96 14.99 -5.66
C TYR B 72 -5.58 14.80 -4.19
N ALA B 73 -6.52 14.26 -3.42
CA ALA B 73 -6.28 14.02 -1.99
C ALA B 73 -5.09 13.08 -1.81
N GLU B 74 -5.06 12.04 -2.63
CA GLU B 74 -3.98 11.05 -2.60
C GLU B 74 -2.63 11.67 -2.94
N ALA B 75 -2.60 12.45 -4.00
CA ALA B 75 -1.39 13.11 -4.44
C ALA B 75 -0.84 14.04 -3.36
N LEU B 76 -1.73 14.68 -2.60
CA LEU B 76 -1.30 15.58 -1.52
C LEU B 76 -0.54 14.82 -0.44
N ILE B 77 -1.09 13.67 -0.05
CA ILE B 77 -0.48 12.83 0.98
C ILE B 77 0.92 12.40 0.53
N ALA B 78 1.01 11.96 -0.72
CA ALA B 78 2.28 11.52 -1.30
C ALA B 78 3.29 12.66 -1.32
N LYS B 79 2.85 13.83 -1.75
CA LYS B 79 3.75 14.98 -1.80
C LYS B 79 4.31 15.28 -0.40
N ALA B 80 3.44 15.31 0.61
CA ALA B 80 3.88 15.60 1.97
C ALA B 80 4.87 14.57 2.51
N TRP B 81 4.58 13.28 2.27
CA TRP B 81 5.45 12.20 2.71
C TRP B 81 6.78 12.22 1.97
N LEU B 82 6.71 12.40 0.66
CA LEU B 82 7.93 12.44 -0.14
C LEU B 82 8.86 13.58 0.27
N MET B 83 8.26 14.73 0.60
CA MET B 83 9.02 15.91 1.01
C MET B 83 9.58 15.77 2.42
N GLY B 84 9.08 14.79 3.15
CA GLY B 84 9.54 14.56 4.52
C GLY B 84 8.81 15.42 5.53
N LEU B 85 7.62 15.88 5.17
CA LEU B 85 6.83 16.73 6.06
C LEU B 85 6.06 15.93 7.13
N ILE B 86 5.95 14.62 6.95
CA ILE B 86 5.25 13.78 7.91
C ILE B 86 5.77 12.34 7.89
N SER B 87 5.89 11.71 9.05
CA SER B 87 6.38 10.33 9.12
C SER B 87 5.25 9.32 9.08
N GLU B 88 5.62 8.06 8.84
CA GLU B 88 4.67 6.96 8.81
C GLU B 88 3.93 6.90 10.15
N ARG B 89 4.72 6.87 11.22
CA ARG B 89 4.21 6.80 12.59
C ARG B 89 3.16 7.86 12.90
N GLU B 90 3.46 9.11 12.57
CA GLU B 90 2.53 10.20 12.85
C GLU B 90 1.25 10.09 12.02
N ALA B 91 1.38 9.69 10.76
CA ALA B 91 0.22 9.55 9.91
C ALA B 91 -0.69 8.43 10.43
N VAL B 92 -0.09 7.33 10.89
CA VAL B 92 -0.84 6.20 11.41
C VAL B 92 -1.62 6.57 12.66
N GLU B 93 -1.00 7.37 13.52
CA GLU B 93 -1.65 7.82 14.75
C GLU B 93 -2.84 8.73 14.49
N ILE B 94 -2.71 9.62 13.50
CA ILE B 94 -3.79 10.54 13.14
C ILE B 94 -5.00 9.73 12.65
N ILE B 95 -4.75 8.75 11.80
CA ILE B 95 -5.83 7.92 11.27
C ILE B 95 -6.53 7.15 12.40
N LYS B 96 -5.77 6.39 13.18
CA LYS B 96 -6.34 5.60 14.28
C LYS B 96 -7.23 6.41 15.23
N LYS B 97 -6.77 7.58 15.62
CA LYS B 97 -7.54 8.42 16.54
C LYS B 97 -8.91 8.79 15.99
N ASN B 98 -9.06 8.65 14.68
CA ASN B 98 -10.34 9.01 14.06
C ASN B 98 -11.07 7.82 13.41
N LEU B 99 -10.66 6.61 13.77
CA LEU B 99 -11.31 5.41 13.25
C LEU B 99 -12.52 5.08 14.11
N TYR B 100 -13.52 4.47 13.49
CA TYR B 100 -14.74 4.06 14.19
C TYR B 100 -15.15 2.68 13.70
N PRO B 101 -16.02 2.00 14.45
CA PRO B 101 -16.46 0.67 14.03
C PRO B 101 -17.20 0.66 12.69
N GLU B 102 -17.80 1.79 12.32
CA GLU B 102 -18.54 1.89 11.04
C GLU B 102 -17.61 1.56 9.88
N VAL B 103 -16.30 1.63 10.13
CA VAL B 103 -15.28 1.34 9.15
C VAL B 103 -15.33 -0.13 8.77
N LEU B 104 -15.90 -0.95 9.65
CA LEU B 104 -16.00 -2.39 9.43
C LEU B 104 -17.32 -2.74 8.74
N ASP B 105 -18.24 -1.78 8.66
CA ASP B 105 -19.53 -2.02 8.04
C ASP B 105 -19.46 -1.66 6.56
N PHE B 106 -19.68 -2.65 5.70
CA PHE B 106 -19.60 -2.42 4.26
C PHE B 106 -20.56 -1.34 3.75
N SER B 107 -21.69 -1.18 4.43
CA SER B 107 -22.67 -0.18 3.98
C SER B 107 -22.39 1.24 4.48
N LYS B 108 -21.45 1.38 5.42
CA LYS B 108 -21.13 2.71 5.95
C LYS B 108 -19.63 3.03 5.90
N LYS B 109 -18.83 2.07 5.43
CA LYS B 109 -17.38 2.24 5.36
C LYS B 109 -16.92 3.41 4.49
N LYS B 110 -17.66 3.66 3.41
CA LYS B 110 -17.33 4.73 2.48
C LYS B 110 -17.23 6.07 3.18
N GLU B 111 -18.27 6.43 3.93
CA GLU B 111 -18.29 7.70 4.67
C GLU B 111 -17.36 7.64 5.89
N ALA B 112 -17.30 6.47 6.53
CA ALA B 112 -16.48 6.28 7.72
C ALA B 112 -14.99 6.46 7.45
N ILE B 113 -14.51 5.93 6.34
CA ILE B 113 -13.09 6.06 6.01
C ILE B 113 -12.80 7.51 5.65
N GLY B 114 -13.75 8.17 5.00
CA GLY B 114 -13.57 9.56 4.63
C GLY B 114 -13.44 10.42 5.87
N ARG B 115 -14.19 10.07 6.91
CA ARG B 115 -14.19 10.79 8.19
C ARG B 115 -12.86 10.60 8.92
N ALA B 116 -12.27 9.41 8.78
CA ALA B 116 -11.02 9.12 9.44
C ALA B 116 -9.83 9.80 8.76
N LEU B 117 -9.93 10.01 7.46
CA LEU B 117 -8.83 10.63 6.70
C LEU B 117 -8.88 12.15 6.64
N ALA B 118 -10.05 12.73 6.91
CA ALA B 118 -10.21 14.18 6.87
C ALA B 118 -9.15 14.91 7.71
N PRO B 119 -9.00 14.53 8.99
CA PRO B 119 -8.01 15.17 9.88
C PRO B 119 -6.59 15.09 9.35
N LEU B 120 -6.25 13.97 8.72
CA LEU B 120 -4.91 13.81 8.17
C LEU B 120 -4.71 14.81 7.04
N LEU B 121 -5.70 14.93 6.16
CA LEU B 121 -5.59 15.88 5.06
C LEU B 121 -5.43 17.32 5.54
N VAL B 122 -6.08 17.64 6.66
CA VAL B 122 -6.00 18.99 7.21
C VAL B 122 -4.57 19.31 7.63
N ILE B 123 -3.96 18.39 8.36
CA ILE B 123 -2.59 18.56 8.85
C ILE B 123 -1.62 18.67 7.68
N ILE B 124 -1.70 17.72 6.75
CA ILE B 124 -0.83 17.69 5.59
C ILE B 124 -0.93 19.00 4.81
N SER B 125 -2.17 19.42 4.56
CA SER B 125 -2.45 20.65 3.83
C SER B 125 -1.81 21.86 4.50
N GLU B 126 -1.87 21.90 5.83
CA GLU B 126 -1.30 23.01 6.57
C GLU B 126 0.22 22.99 6.50
N ARG B 127 0.81 21.81 6.51
CA ARG B 127 2.26 21.70 6.44
C ARG B 127 2.80 21.98 5.04
N LEU B 128 1.97 21.75 4.03
CA LEU B 128 2.36 21.99 2.64
C LEU B 128 2.39 23.49 2.36
N TYR B 129 1.59 24.24 3.10
CA TYR B 129 1.50 25.69 2.95
C TYR B 129 2.45 26.39 3.92
N SER B 130 2.49 25.91 5.16
CA SER B 130 3.35 26.49 6.19
C SER B 130 4.82 26.26 5.90
N SER B 131 5.11 25.53 4.82
CA SER B 131 6.49 25.25 4.46
C SER B 131 6.76 25.62 3.00
N GLN B 132 6.21 24.83 2.07
CA GLN B 132 6.39 25.09 0.65
C GLN B 132 5.63 26.34 0.23
N VAL B 133 4.53 26.60 0.91
CA VAL B 133 3.70 27.78 0.63
C VAL B 133 3.22 27.78 -0.82
#